data_5YY4
#
_entry.id   5YY4
#
_cell.length_a   45.250
_cell.length_b   56.610
_cell.length_c   97.920
_cell.angle_alpha   90.00
_cell.angle_beta   90.00
_cell.angle_gamma   90.00
#
_symmetry.space_group_name_H-M   'P 21 21 21'
#
loop_
_entity.id
_entity.type
_entity.pdbx_description
1 polymer 'scFv 4B08'
2 polymer 'C-C chemokine receptor type 5'
3 non-polymer 'SULFATE ION'
4 non-polymer 'CHLORIDE ION'
5 water water
#
loop_
_entity_poly.entity_id
_entity_poly.type
_entity_poly.pdbx_seq_one_letter_code
_entity_poly.pdbx_strand_id
1 'polypeptide(L)'
;EVQLQQSGAELVRPGTSVKMSCKAAGYTFTKYWIGWVKQRPGHGLEWIGDIHPGSFYSNYNEKFKGKATLTADTSSSTAY
MQLSSLTSEDSAIYYCARDYYTNYGDWGQGTSVTVSSAGGGGSGGGGSGGGGSGGGGSDIVMTQAAPSVSVTPGESVSIS
CRSSKSLLHRNGNTYLFWFLQRPGQSPQLLIYRMSNLASGVPDRFSGSGSGTAFTLRISRVEAEDVGVYYCMQHLEYPYT
FGSGTKLELKVR
;
A
2 'polypeptide(L)' DIN(TYS)(TYS)TSEP B
#
loop_
_chem_comp.id
_chem_comp.type
_chem_comp.name
_chem_comp.formula
CL non-polymer 'CHLORIDE ION' 'Cl -1'
SO4 non-polymer 'SULFATE ION' 'O4 S -2'
#
# COMPACT_ATOMS: atom_id res chain seq x y z
N GLU A 1 -3.07 6.13 20.34
CA GLU A 1 -3.23 5.69 18.92
C GLU A 1 -1.90 5.17 18.37
N VAL A 2 -1.98 4.30 17.38
CA VAL A 2 -0.76 3.87 16.68
C VAL A 2 -0.20 5.03 15.86
N GLN A 3 1.11 5.26 16.00
CA GLN A 3 1.83 6.29 15.25
CA GLN A 3 1.83 6.29 15.25
C GLN A 3 3.04 5.64 14.59
N LEU A 4 3.16 5.88 13.28
CA LEU A 4 4.37 5.53 12.53
C LEU A 4 4.98 6.82 12.02
N GLN A 5 6.10 7.22 12.62
CA GLN A 5 6.72 8.50 12.31
C GLN A 5 7.91 8.31 11.42
N GLN A 6 7.78 8.76 10.19
CA GLN A 6 8.84 8.63 9.23
C GLN A 6 9.77 9.83 9.20
N SER A 7 11.01 9.57 8.78
CA SER A 7 12.02 10.64 8.67
C SER A 7 11.73 11.60 7.53
N GLY A 8 12.44 12.74 7.55
CA GLY A 8 12.16 13.81 6.61
C GLY A 8 12.60 13.64 5.18
N ALA A 9 12.13 14.55 4.30
CA ALA A 9 12.49 14.53 2.89
C ALA A 9 13.99 14.54 2.64
N GLU A 10 14.39 13.86 1.58
CA GLU A 10 15.77 13.69 1.15
C GLU A 10 15.91 14.12 -0.28
N LEU A 11 16.96 14.88 -0.58
CA LEU A 11 17.31 15.23 -1.92
C LEU A 11 18.73 14.74 -2.10
N VAL A 12 18.95 13.82 -3.03
CA VAL A 12 20.21 13.06 -3.13
C VAL A 12 20.73 12.90 -4.54
N ARG A 13 22.04 12.63 -4.65
CA ARG A 13 22.69 12.52 -5.95
CA ARG A 13 22.74 12.53 -5.92
C ARG A 13 22.60 11.09 -6.48
N PRO A 14 22.56 10.92 -7.82
CA PRO A 14 22.55 9.56 -8.38
C PRO A 14 23.80 8.78 -8.01
N GLY A 15 23.62 7.48 -7.78
CA GLY A 15 24.67 6.57 -7.39
C GLY A 15 24.90 6.47 -5.90
N THR A 16 24.36 7.38 -5.10
CA THR A 16 24.52 7.34 -3.66
C THR A 16 23.46 6.43 -3.01
N SER A 17 23.48 6.36 -1.69
CA SER A 17 22.50 5.62 -0.89
C SER A 17 21.80 6.55 0.08
N VAL A 18 20.61 6.16 0.48
CA VAL A 18 19.87 6.89 1.51
C VAL A 18 19.21 5.86 2.40
N LYS A 19 19.13 6.17 3.69
CA LYS A 19 18.53 5.31 4.66
C LYS A 19 17.49 6.14 5.40
N MET A 20 16.26 5.66 5.40
CA MET A 20 15.13 6.37 6.04
C MET A 20 14.60 5.52 7.18
N SER A 21 13.88 6.16 8.10
CA SER A 21 13.44 5.55 9.34
C SER A 21 11.92 5.66 9.50
N CYS A 22 11.38 4.73 10.28
CA CYS A 22 9.98 4.64 10.59
C CYS A 22 9.85 4.25 12.07
N LYS A 23 9.58 5.23 12.94
CA LYS A 23 9.55 4.97 14.39
C LYS A 23 8.14 4.65 14.83
N ALA A 24 7.95 3.51 15.49
CA ALA A 24 6.63 3.02 15.84
C ALA A 24 6.30 3.33 17.30
N ALA A 25 5.11 3.87 17.53
CA ALA A 25 4.59 4.05 18.88
C ALA A 25 3.15 3.57 19.00
N GLY A 26 2.77 3.17 20.22
CA GLY A 26 1.35 2.91 20.51
C GLY A 26 0.87 1.49 20.33
N TYR A 27 1.78 0.62 19.91
CA TYR A 27 1.58 -0.82 19.86
C TYR A 27 2.96 -1.49 20.13
N THR A 28 2.95 -2.80 20.28
CA THR A 28 4.17 -3.55 20.53
C THR A 28 4.93 -3.80 19.24
N PHE A 29 6.03 -3.06 19.09
CA PHE A 29 6.86 -3.08 17.87
C PHE A 29 7.32 -4.46 17.42
N THR A 30 7.72 -5.32 18.35
CA THR A 30 8.22 -6.62 18.01
C THR A 30 7.17 -7.65 17.61
N LYS A 31 5.89 -7.30 17.65
CA LYS A 31 4.81 -8.24 17.44
C LYS A 31 4.30 -8.32 15.98
N TYR A 32 4.48 -7.26 15.22
CA TYR A 32 3.82 -7.13 13.91
C TYR A 32 4.81 -6.86 12.76
N TRP A 33 4.54 -7.47 11.62
CA TRP A 33 5.24 -7.15 10.37
C TRP A 33 5.08 -5.69 9.97
N ILE A 34 6.15 -5.12 9.39
CA ILE A 34 6.10 -3.78 8.84
CA ILE A 34 6.16 -3.78 8.84
C ILE A 34 6.45 -3.93 7.35
N GLY A 35 5.58 -3.40 6.51
CA GLY A 35 5.79 -3.39 5.08
C GLY A 35 6.17 -2.01 4.56
N TRP A 36 6.76 -1.98 3.38
CA TRP A 36 7.22 -0.74 2.76
C TRP A 36 6.65 -0.61 1.35
N VAL A 37 6.16 0.58 1.03
CA VAL A 37 5.43 0.83 -0.22
C VAL A 37 6.00 2.08 -0.89
N LYS A 38 6.12 1.99 -2.21
CA LYS A 38 6.68 3.05 -3.05
C LYS A 38 5.55 3.73 -3.82
N GLN A 39 5.50 5.07 -3.75
CA GLN A 39 4.50 5.89 -4.49
C GLN A 39 5.27 6.83 -5.41
N ARG A 40 5.41 6.43 -6.65
CA ARG A 40 6.17 7.16 -7.63
C ARG A 40 5.13 7.92 -8.49
N PRO A 41 5.35 9.20 -8.75
CA PRO A 41 4.42 9.94 -9.62
C PRO A 41 4.20 9.25 -10.94
N GLY A 42 2.93 9.08 -11.34
CA GLY A 42 2.56 8.33 -12.52
C GLY A 42 2.59 6.81 -12.43
N HIS A 43 2.89 6.25 -11.25
CA HIS A 43 3.08 4.81 -11.12
C HIS A 43 2.41 4.21 -9.87
N GLY A 44 1.38 4.88 -9.37
CA GLY A 44 0.47 4.30 -8.37
C GLY A 44 1.25 3.91 -7.11
N LEU A 45 0.96 2.70 -6.61
CA LEU A 45 1.61 2.14 -5.42
C LEU A 45 2.28 0.81 -5.75
N GLU A 46 3.46 0.57 -5.16
CA GLU A 46 4.21 -0.64 -5.41
C GLU A 46 4.76 -1.15 -4.10
N TRP A 47 4.69 -2.46 -3.87
CA TRP A 47 5.15 -3.04 -2.59
C TRP A 47 6.61 -3.47 -2.71
N ILE A 48 7.43 -3.06 -1.75
CA ILE A 48 8.87 -3.32 -1.78
C ILE A 48 9.26 -4.59 -1.03
N GLY A 49 8.75 -4.74 0.19
CA GLY A 49 9.18 -5.81 1.09
C GLY A 49 8.56 -5.63 2.45
N ASP A 50 8.83 -6.60 3.30
CA ASP A 50 8.41 -6.51 4.69
C ASP A 50 9.42 -7.13 5.65
N ILE A 51 9.29 -6.80 6.92
CA ILE A 51 10.22 -7.25 7.97
C ILE A 51 9.48 -7.48 9.27
N HIS A 52 9.88 -8.52 9.97
CA HIS A 52 9.32 -8.80 11.30
C HIS A 52 10.30 -8.31 12.36
N PRO A 53 9.96 -7.23 13.14
CA PRO A 53 11.00 -6.73 14.03
C PRO A 53 11.33 -7.59 15.24
N GLY A 54 10.57 -8.62 15.52
CA GLY A 54 11.00 -9.62 16.52
C GLY A 54 12.11 -10.53 15.99
N SER A 55 11.79 -11.23 14.91
CA SER A 55 12.65 -12.27 14.36
C SER A 55 13.72 -11.75 13.42
N PHE A 56 13.48 -10.56 12.86
CA PHE A 56 14.31 -9.94 11.83
C PHE A 56 14.29 -10.61 10.45
N TYR A 57 13.37 -11.56 10.26
CA TYR A 57 13.14 -12.09 8.92
C TYR A 57 12.57 -11.01 8.02
N SER A 58 13.05 -10.99 6.79
CA SER A 58 12.59 -10.02 5.80
C SER A 58 12.28 -10.74 4.49
N ASN A 59 11.31 -10.21 3.76
CA ASN A 59 10.95 -10.74 2.46
C ASN A 59 10.86 -9.60 1.47
N TYR A 60 11.46 -9.79 0.31
CA TYR A 60 11.54 -8.74 -0.70
C TYR A 60 10.78 -9.08 -1.99
N ASN A 61 10.15 -8.07 -2.57
CA ASN A 61 9.74 -8.11 -3.99
C ASN A 61 11.04 -8.28 -4.79
N GLU A 62 11.08 -9.27 -5.69
CA GLU A 62 12.29 -9.51 -6.51
C GLU A 62 12.78 -8.22 -7.23
N LYS A 63 11.86 -7.37 -7.62
CA LYS A 63 12.18 -6.13 -8.32
C LYS A 63 13.12 -5.24 -7.50
N PHE A 64 13.02 -5.30 -6.17
CA PHE A 64 13.83 -4.49 -5.28
C PHE A 64 14.98 -5.22 -4.59
N LYS A 65 15.22 -6.50 -4.90
CA LYS A 65 16.41 -7.17 -4.38
C LYS A 65 17.67 -6.46 -4.82
N GLY A 66 18.56 -6.16 -3.89
CA GLY A 66 19.79 -5.43 -4.25
C GLY A 66 19.60 -3.92 -4.41
N LYS A 67 18.35 -3.44 -4.32
CA LYS A 67 18.04 -2.00 -4.23
C LYS A 67 17.74 -1.63 -2.77
N ALA A 68 16.81 -2.39 -2.15
CA ALA A 68 16.28 -2.08 -0.81
C ALA A 68 16.82 -3.06 0.23
N THR A 69 17.13 -2.53 1.42
CA THR A 69 17.56 -3.33 2.56
C THR A 69 16.75 -2.87 3.75
N LEU A 70 16.01 -3.81 4.32
CA LEU A 70 15.19 -3.55 5.49
C LEU A 70 15.90 -4.07 6.76
N THR A 71 15.88 -3.20 7.78
CA THR A 71 16.37 -3.56 9.12
C THR A 71 15.40 -3.02 10.17
N ALA A 72 15.60 -3.45 11.41
CA ALA A 72 14.80 -2.96 12.53
C ALA A 72 15.65 -2.93 13.78
N ASP A 73 15.33 -2.00 14.66
CA ASP A 73 16.09 -1.82 15.91
C ASP A 73 15.04 -1.82 16.99
N THR A 74 15.02 -2.88 17.80
CA THR A 74 14.00 -3.02 18.85
C THR A 74 14.27 -2.08 20.03
N SER A 75 15.48 -1.57 20.18
CA SER A 75 15.75 -0.60 21.27
CA SER A 75 15.77 -0.61 21.27
C SER A 75 15.11 0.76 21.02
N SER A 76 15.11 1.19 19.75
CA SER A 76 14.51 2.45 19.38
C SER A 76 13.10 2.27 18.75
N SER A 77 12.61 1.03 18.67
CA SER A 77 11.30 0.70 18.04
C SER A 77 11.26 1.31 16.63
N THR A 78 12.34 1.17 15.87
CA THR A 78 12.45 1.85 14.58
C THR A 78 12.79 0.86 13.48
N ALA A 79 12.03 0.92 12.38
CA ALA A 79 12.29 0.15 11.17
C ALA A 79 12.99 1.09 10.20
N TYR A 80 13.93 0.55 9.43
CA TYR A 80 14.72 1.30 8.48
C TYR A 80 14.65 0.69 7.09
N MET A 81 14.73 1.54 6.10
CA MET A 81 14.90 1.09 4.72
C MET A 81 16.04 1.86 4.09
N GLN A 82 16.99 1.12 3.57
CA GLN A 82 18.10 1.70 2.82
C GLN A 82 17.92 1.43 1.32
N LEU A 83 18.14 2.46 0.48
CA LEU A 83 18.04 2.33 -1.00
C LEU A 83 19.41 2.68 -1.54
N SER A 84 19.99 1.75 -2.32
CA SER A 84 21.37 1.92 -2.82
CA SER A 84 21.36 1.82 -2.83
C SER A 84 21.39 2.27 -4.29
N SER A 85 22.53 2.77 -4.76
CA SER A 85 22.75 3.01 -6.19
C SER A 85 21.59 3.79 -6.83
N LEU A 86 21.28 4.93 -6.23
CA LEU A 86 20.08 5.68 -6.60
C LEU A 86 20.05 6.20 -8.04
N THR A 87 18.87 6.09 -8.66
CA THR A 87 18.62 6.57 -10.03
C THR A 87 17.31 7.36 -10.02
N SER A 88 16.96 7.99 -11.14
CA SER A 88 15.75 8.81 -11.20
CA SER A 88 15.75 8.81 -11.22
C SER A 88 14.48 7.99 -10.95
N GLU A 89 14.54 6.70 -11.29
CA GLU A 89 13.42 5.79 -11.05
CA GLU A 89 13.41 5.80 -11.04
C GLU A 89 13.14 5.61 -9.54
N ASP A 90 14.11 5.93 -8.71
CA ASP A 90 13.94 5.82 -7.24
C ASP A 90 13.27 7.04 -6.62
N SER A 91 13.12 8.14 -7.38
CA SER A 91 12.38 9.29 -6.83
C SER A 91 10.91 8.92 -6.58
N ALA A 92 10.47 9.04 -5.34
CA ALA A 92 9.13 8.61 -4.94
C ALA A 92 8.87 9.02 -3.50
N ILE A 93 7.62 8.86 -3.04
CA ILE A 93 7.29 8.92 -1.62
C ILE A 93 7.29 7.46 -1.14
N TYR A 94 7.93 7.19 -0.01
CA TYR A 94 8.03 5.82 0.53
C TYR A 94 7.33 5.77 1.85
N TYR A 95 6.44 4.79 2.00
CA TYR A 95 5.67 4.60 3.23
C TYR A 95 6.09 3.35 3.94
N CYS A 96 6.03 3.38 5.27
CA CYS A 96 5.96 2.18 6.09
C CYS A 96 4.52 1.97 6.51
N ALA A 97 4.12 0.72 6.73
CA ALA A 97 2.79 0.39 7.18
C ALA A 97 2.83 -0.85 8.08
N ARG A 98 2.07 -0.84 9.17
CA ARG A 98 1.94 -2.01 10.04
C ARG A 98 0.93 -2.98 9.48
N ASP A 99 1.37 -4.24 9.40
CA ASP A 99 0.54 -5.35 8.99
C ASP A 99 -0.19 -5.93 10.21
N TYR A 100 -1.49 -5.68 10.28
CA TYR A 100 -2.31 -6.19 11.37
C TYR A 100 -3.14 -7.35 10.81
N TYR A 101 -2.64 -8.58 10.96
CA TYR A 101 -3.36 -9.80 10.53
C TYR A 101 -3.77 -9.69 9.03
N THR A 102 -2.83 -9.19 8.24
CA THR A 102 -2.94 -8.92 6.79
C THR A 102 -3.51 -7.56 6.40
N ASN A 103 -4.02 -6.78 7.36
CA ASN A 103 -4.51 -5.44 7.09
C ASN A 103 -3.43 -4.41 7.24
N TYR A 104 -3.10 -3.69 6.15
CA TYR A 104 -2.30 -2.49 6.28
C TYR A 104 -3.20 -1.30 6.70
N GLY A 105 -3.51 -1.26 7.98
CA GLY A 105 -4.42 -0.27 8.56
C GLY A 105 -3.69 1.00 9.00
N ASP A 106 -2.45 0.87 9.49
CA ASP A 106 -1.67 2.01 9.99
C ASP A 106 -0.55 2.32 9.03
N TRP A 107 -0.46 3.58 8.57
CA TRP A 107 0.55 4.04 7.62
C TRP A 107 1.34 5.21 8.20
N GLY A 108 2.63 5.23 7.91
CA GLY A 108 3.43 6.43 8.12
C GLY A 108 2.97 7.54 7.23
N GLN A 109 3.51 8.73 7.48
CA GLN A 109 3.18 9.88 6.68
C GLN A 109 3.94 9.95 5.36
N GLY A 110 4.90 9.03 5.15
CA GLY A 110 5.72 9.04 3.97
C GLY A 110 6.98 9.86 4.08
N THR A 111 8.01 9.38 3.41
CA THR A 111 9.29 10.03 3.19
C THR A 111 9.47 10.23 1.71
N SER A 112 9.56 11.50 1.31
CA SER A 112 9.90 11.86 -0.06
C SER A 112 11.41 11.77 -0.32
N VAL A 113 11.78 11.02 -1.34
CA VAL A 113 13.15 10.92 -1.85
C VAL A 113 13.16 11.42 -3.27
N THR A 114 13.99 12.43 -3.54
CA THR A 114 14.14 12.96 -4.88
C THR A 114 15.58 12.83 -5.29
N VAL A 115 15.82 12.24 -6.45
CA VAL A 115 17.16 12.00 -7.01
C VAL A 115 17.44 13.01 -8.14
N SER A 116 18.57 13.74 -8.07
CA SER A 116 18.93 14.77 -9.07
CA SER A 116 18.88 14.76 -9.09
C SER A 116 19.23 14.19 -10.45
N SER A 117 19.02 15.00 -11.51
CA SER A 117 19.41 14.63 -12.89
C SER A 117 20.91 14.79 -12.99
N GLY A 134 13.65 -9.79 -17.27
CA GLY A 134 12.63 -10.84 -17.39
C GLY A 134 12.05 -11.49 -16.12
N GLY A 135 12.26 -10.83 -14.97
CA GLY A 135 11.82 -11.31 -13.64
C GLY A 135 10.40 -10.89 -13.30
N GLY A 136 9.85 -11.48 -12.23
CA GLY A 136 8.46 -11.15 -11.84
C GLY A 136 7.34 -11.74 -12.65
N GLY A 137 7.67 -12.74 -13.50
CA GLY A 137 6.65 -13.37 -14.31
C GLY A 137 5.54 -14.10 -13.56
N SER A 138 5.80 -14.48 -12.30
CA SER A 138 4.81 -15.17 -11.42
CA SER A 138 4.75 -15.16 -11.50
C SER A 138 3.95 -14.20 -10.64
N ASP A 139 4.23 -12.89 -10.74
CA ASP A 139 3.49 -11.92 -9.89
C ASP A 139 2.00 -11.98 -10.17
N ILE A 140 1.17 -11.75 -9.16
CA ILE A 140 -0.26 -11.61 -9.38
C ILE A 140 -0.53 -10.20 -9.87
N VAL A 141 -1.08 -10.08 -11.07
CA VAL A 141 -1.38 -8.80 -11.67
C VAL A 141 -2.78 -8.35 -11.27
N MET A 142 -2.87 -7.12 -10.78
CA MET A 142 -4.11 -6.52 -10.36
C MET A 142 -4.46 -5.44 -11.37
N THR A 143 -5.64 -5.55 -11.95
CA THR A 143 -6.08 -4.67 -13.07
C THR A 143 -7.27 -3.87 -12.63
N GLN A 144 -7.10 -2.56 -12.68
CA GLN A 144 -8.20 -1.60 -12.57
C GLN A 144 -8.40 -1.00 -13.96
N ALA A 145 -9.48 -1.42 -14.62
CA ALA A 145 -9.72 -1.04 -16.03
C ALA A 145 -9.91 0.46 -16.22
N ALA A 146 -10.49 1.12 -15.23
CA ALA A 146 -10.82 2.55 -15.35
C ALA A 146 -9.85 3.38 -14.57
N PRO A 147 -9.06 4.23 -15.24
CA PRO A 147 -8.11 5.07 -14.49
C PRO A 147 -8.78 6.20 -13.69
N SER A 148 -9.98 6.58 -14.10
CA SER A 148 -10.74 7.64 -13.45
C SER A 148 -12.23 7.46 -13.70
N VAL A 149 -13.01 8.04 -12.79
CA VAL A 149 -14.43 8.09 -12.91
C VAL A 149 -14.93 9.40 -12.30
N SER A 150 -15.87 10.01 -13.01
CA SER A 150 -16.47 11.28 -12.63
CA SER A 150 -16.46 11.26 -12.57
C SER A 150 -17.91 11.05 -12.20
N VAL A 151 -18.28 11.47 -10.97
CA VAL A 151 -19.61 11.16 -10.45
C VAL A 151 -20.29 12.42 -9.96
N THR A 152 -21.57 12.61 -10.30
CA THR A 152 -22.37 13.69 -9.71
C THR A 152 -22.53 13.48 -8.22
N PRO A 153 -22.26 14.50 -7.38
CA PRO A 153 -22.46 14.27 -5.94
C PRO A 153 -23.86 13.75 -5.61
N GLY A 154 -23.92 12.71 -4.77
CA GLY A 154 -25.16 12.09 -4.39
C GLY A 154 -25.53 10.86 -5.20
N GLU A 155 -24.91 10.70 -6.37
CA GLU A 155 -25.08 9.52 -7.22
CA GLU A 155 -25.11 9.51 -7.19
C GLU A 155 -24.11 8.41 -6.84
N SER A 156 -24.41 7.23 -7.32
CA SER A 156 -23.64 6.04 -6.98
C SER A 156 -22.52 5.81 -7.97
N VAL A 157 -21.56 5.01 -7.55
CA VAL A 157 -20.49 4.53 -8.46
C VAL A 157 -20.07 3.10 -8.10
N SER A 158 -19.62 2.39 -9.10
CA SER A 158 -18.92 1.14 -8.90
C SER A 158 -17.52 1.22 -9.55
N ILE A 159 -16.55 0.59 -8.88
CA ILE A 159 -15.14 0.56 -9.30
C ILE A 159 -14.67 -0.89 -9.36
N SER A 160 -14.16 -1.29 -10.52
CA SER A 160 -13.79 -2.68 -10.75
CA SER A 160 -13.77 -2.67 -10.77
C SER A 160 -12.29 -2.92 -10.53
N CYS A 161 -11.98 -4.13 -10.12
CA CYS A 161 -10.64 -4.66 -9.98
C CYS A 161 -10.70 -6.12 -10.35
N ARG A 162 -9.68 -6.61 -11.03
CA ARG A 162 -9.52 -8.05 -11.20
C ARG A 162 -8.13 -8.52 -10.91
N SER A 163 -8.00 -9.80 -10.58
CA SER A 163 -6.69 -10.41 -10.34
C SER A 163 -6.39 -11.47 -11.38
N SER A 164 -5.11 -11.70 -11.62
CA SER A 164 -4.71 -12.70 -12.63
C SER A 164 -4.79 -14.15 -12.11
N LYS A 165 -4.99 -14.31 -10.80
CA LYS A 165 -5.11 -15.61 -10.08
C LYS A 165 -6.15 -15.44 -9.00
N SER A 166 -6.85 -16.49 -8.67
CA SER A 166 -7.77 -16.41 -7.53
C SER A 166 -7.06 -15.94 -6.26
N LEU A 167 -7.73 -15.05 -5.50
CA LEU A 167 -7.22 -14.61 -4.21
C LEU A 167 -7.86 -15.34 -3.03
N LEU A 168 -8.58 -16.43 -3.33
CA LEU A 168 -9.12 -17.33 -2.29
C LEU A 168 -8.06 -18.20 -1.67
N HIS A 169 -7.97 -18.16 -0.35
CA HIS A 169 -7.01 -18.96 0.45
C HIS A 169 -7.73 -20.26 0.85
N ARG A 170 -6.93 -21.29 1.12
CA ARG A 170 -7.50 -22.53 1.69
C ARG A 170 -8.32 -22.32 2.98
N ASN A 171 -8.06 -21.25 3.75
CA ASN A 171 -8.83 -20.95 4.97
C ASN A 171 -10.23 -20.37 4.72
N GLY A 172 -10.59 -20.13 3.45
CA GLY A 172 -11.85 -19.58 3.01
C GLY A 172 -11.95 -18.07 2.87
N ASN A 173 -10.90 -17.34 3.28
CA ASN A 173 -10.90 -15.86 3.15
C ASN A 173 -10.29 -15.51 1.75
N THR A 174 -10.66 -14.33 1.26
CA THR A 174 -10.18 -13.87 -0.05
C THR A 174 -9.36 -12.62 0.25
N TYR A 175 -8.06 -12.64 -0.10
CA TYR A 175 -7.11 -11.63 0.40
C TYR A 175 -7.02 -10.46 -0.54
N LEU A 176 -8.17 -9.78 -0.74
CA LEU A 176 -8.31 -8.59 -1.54
C LEU A 176 -8.64 -7.44 -0.61
N PHE A 177 -7.99 -6.31 -0.87
CA PHE A 177 -8.10 -5.11 -0.04
C PHE A 177 -8.37 -3.90 -0.93
N TRP A 178 -9.10 -2.94 -0.38
CA TRP A 178 -9.31 -1.64 -1.02
C TRP A 178 -8.82 -0.52 -0.14
N PHE A 179 -8.04 0.39 -0.74
CA PHE A 179 -7.52 1.58 -0.11
C PHE A 179 -8.02 2.81 -0.83
N LEU A 180 -8.18 3.88 -0.07
CA LEU A 180 -8.45 5.21 -0.61
C LEU A 180 -7.26 6.07 -0.23
N GLN A 181 -6.71 6.80 -1.21
CA GLN A 181 -5.69 7.82 -0.95
C GLN A 181 -6.25 9.16 -1.34
N ARG A 182 -6.58 9.95 -0.32
CA ARG A 182 -7.07 11.29 -0.51
C ARG A 182 -5.91 12.18 -0.83
N PRO A 183 -6.18 13.28 -1.56
CA PRO A 183 -5.10 14.18 -1.96
C PRO A 183 -4.27 14.65 -0.76
N GLY A 184 -2.95 14.53 -0.87
CA GLY A 184 -2.01 14.92 0.16
C GLY A 184 -1.92 14.06 1.41
N GLN A 185 -2.54 12.87 1.37
CA GLN A 185 -2.66 12.00 2.54
CA GLN A 185 -2.61 12.01 2.55
C GLN A 185 -1.99 10.67 2.20
N SER A 186 -1.68 9.90 3.23
CA SER A 186 -1.24 8.52 3.03
C SER A 186 -2.44 7.69 2.62
N PRO A 187 -2.20 6.52 2.01
CA PRO A 187 -3.32 5.60 1.81
C PRO A 187 -4.01 5.21 3.11
N GLN A 188 -5.30 4.93 3.03
CA GLN A 188 -6.05 4.45 4.17
C GLN A 188 -6.86 3.23 3.74
N LEU A 189 -6.86 2.24 4.63
CA LEU A 189 -7.61 1.03 4.40
C LEU A 189 -9.11 1.26 4.48
N LEU A 190 -9.85 0.83 3.45
CA LEU A 190 -11.31 0.94 3.42
C LEU A 190 -12.02 -0.38 3.59
N ILE A 191 -11.53 -1.40 2.84
CA ILE A 191 -12.15 -2.74 2.83
C ILE A 191 -11.06 -3.80 2.92
N TYR A 192 -11.22 -4.76 3.84
CA TYR A 192 -10.23 -5.83 4.02
C TYR A 192 -10.88 -7.18 3.82
N ARG A 193 -10.11 -8.11 3.28
CA ARG A 193 -10.59 -9.46 2.98
C ARG A 193 -11.89 -9.44 2.19
N MET A 194 -11.85 -8.65 1.11
CA MET A 194 -12.87 -8.56 0.07
C MET A 194 -14.10 -7.75 0.44
N SER A 195 -14.71 -8.02 1.61
CA SER A 195 -16.03 -7.48 1.91
C SER A 195 -16.17 -6.76 3.23
N ASN A 196 -15.13 -6.73 4.06
CA ASN A 196 -15.28 -6.20 5.42
C ASN A 196 -14.89 -4.73 5.48
N LEU A 197 -15.78 -3.91 6.06
CA LEU A 197 -15.48 -2.50 6.17
C LEU A 197 -14.52 -2.21 7.33
N ALA A 198 -13.50 -1.40 7.07
CA ALA A 198 -12.58 -0.95 8.12
C ALA A 198 -13.34 -0.11 9.13
N SER A 199 -12.81 -0.02 10.35
CA SER A 199 -13.45 0.79 11.39
CA SER A 199 -13.47 0.79 11.39
C SER A 199 -13.64 2.23 10.90
N GLY A 200 -14.82 2.78 11.20
CA GLY A 200 -15.12 4.16 10.84
C GLY A 200 -15.61 4.38 9.43
N VAL A 201 -15.57 3.34 8.59
CA VAL A 201 -15.98 3.52 7.20
C VAL A 201 -17.51 3.46 7.11
N PRO A 202 -18.14 4.47 6.46
CA PRO A 202 -19.61 4.46 6.35
C PRO A 202 -20.15 3.34 5.50
N ASP A 203 -21.40 2.99 5.77
CA ASP A 203 -22.11 1.93 5.12
C ASP A 203 -22.47 2.23 3.65
N ARG A 204 -22.14 3.43 3.18
CA ARG A 204 -22.23 3.76 1.75
C ARG A 204 -21.25 2.91 0.93
N PHE A 205 -20.16 2.47 1.54
CA PHE A 205 -19.14 1.66 0.91
C PHE A 205 -19.47 0.17 1.05
N SER A 206 -19.16 -0.59 -0.01
CA SER A 206 -19.20 -2.06 0.06
C SER A 206 -18.19 -2.69 -0.86
N GLY A 207 -17.82 -3.93 -0.55
CA GLY A 207 -16.92 -4.70 -1.41
C GLY A 207 -17.59 -6.02 -1.72
N SER A 208 -17.51 -6.42 -2.99
CA SER A 208 -18.01 -7.73 -3.44
C SER A 208 -16.97 -8.39 -4.33
N GLY A 209 -17.16 -9.68 -4.52
CA GLY A 209 -16.27 -10.37 -5.45
C GLY A 209 -16.82 -11.67 -5.89
N SER A 210 -16.44 -12.07 -7.09
CA SER A 210 -17.13 -13.14 -7.82
C SER A 210 -16.02 -13.71 -8.65
N GLY A 211 -15.44 -14.82 -8.21
CA GLY A 211 -14.18 -15.30 -8.76
C GLY A 211 -13.06 -14.28 -8.48
N THR A 212 -12.33 -13.94 -9.56
CA THR A 212 -11.16 -13.02 -9.57
C THR A 212 -11.61 -11.60 -9.94
N ALA A 213 -12.89 -11.33 -9.86
CA ALA A 213 -13.46 -10.03 -10.23
C ALA A 213 -14.02 -9.43 -8.95
N PHE A 214 -13.61 -8.21 -8.65
CA PHE A 214 -13.97 -7.48 -7.42
C PHE A 214 -14.60 -6.15 -7.77
N THR A 215 -15.52 -5.70 -6.90
CA THR A 215 -16.23 -4.46 -7.13
C THR A 215 -16.33 -3.70 -5.81
N LEU A 216 -15.83 -2.47 -5.83
CA LEU A 216 -16.12 -1.49 -4.77
C LEU A 216 -17.31 -0.65 -5.20
N ARG A 217 -18.28 -0.49 -4.31
CA ARG A 217 -19.40 0.37 -4.61
C ARG A 217 -19.48 1.46 -3.57
N ILE A 218 -19.87 2.63 -4.02
CA ILE A 218 -20.25 3.74 -3.14
C ILE A 218 -21.67 4.14 -3.49
N SER A 219 -22.61 3.98 -2.56
CA SER A 219 -24.06 4.15 -2.90
C SER A 219 -24.47 5.59 -3.19
N ARG A 220 -23.81 6.52 -2.48
CA ARG A 220 -23.98 7.96 -2.75
CA ARG A 220 -23.98 7.97 -2.71
C ARG A 220 -22.63 8.59 -2.49
N VAL A 221 -22.05 9.18 -3.53
CA VAL A 221 -20.73 9.77 -3.47
C VAL A 221 -20.82 11.14 -2.81
N GLU A 222 -19.89 11.37 -1.90
CA GLU A 222 -19.76 12.63 -1.16
C GLU A 222 -18.35 13.23 -1.38
N ALA A 223 -18.22 14.52 -1.11
CA ALA A 223 -16.95 15.21 -1.36
C ALA A 223 -15.74 14.59 -0.67
N GLU A 224 -15.91 14.07 0.55
CA GLU A 224 -14.82 13.49 1.29
C GLU A 224 -14.36 12.14 0.74
N ASP A 225 -15.04 11.66 -0.28
CA ASP A 225 -14.70 10.34 -0.89
C ASP A 225 -13.74 10.49 -2.07
N VAL A 226 -13.49 11.73 -2.48
CA VAL A 226 -12.59 12.04 -3.57
C VAL A 226 -11.14 11.62 -3.29
N GLY A 227 -10.50 11.00 -4.28
CA GLY A 227 -9.13 10.51 -4.16
C GLY A 227 -8.94 9.33 -5.09
N VAL A 228 -7.91 8.55 -4.85
CA VAL A 228 -7.59 7.42 -5.72
C VAL A 228 -7.87 6.13 -4.95
N TYR A 229 -8.65 5.24 -5.55
CA TYR A 229 -9.00 3.96 -4.97
C TYR A 229 -8.09 2.90 -5.59
N TYR A 230 -7.42 2.13 -4.74
CA TYR A 230 -6.53 1.05 -5.15
C TYR A 230 -7.01 -0.26 -4.60
N CYS A 231 -7.02 -1.30 -5.44
CA CYS A 231 -7.10 -2.64 -4.92
C CYS A 231 -5.70 -3.20 -4.68
N MET A 232 -5.63 -4.24 -3.85
CA MET A 232 -4.34 -4.86 -3.45
CA MET A 232 -4.37 -4.85 -3.50
C MET A 232 -4.59 -6.29 -3.04
N GLN A 233 -3.67 -7.17 -3.39
CA GLN A 233 -3.71 -8.56 -2.90
C GLN A 233 -2.64 -8.75 -1.81
N HIS A 234 -3.03 -9.45 -0.75
CA HIS A 234 -2.14 -9.89 0.34
C HIS A 234 -2.22 -11.42 0.46
N LEU A 235 -2.41 -12.11 -0.66
CA LEU A 235 -2.41 -13.58 -0.65
C LEU A 235 -0.96 -14.10 -0.58
N GLU A 236 -0.12 -13.63 -1.49
CA GLU A 236 1.21 -14.17 -1.64
C GLU A 236 2.20 -13.13 -2.11
N TYR A 237 3.43 -13.28 -1.65
CA TYR A 237 4.46 -12.38 -2.04
C TYR A 237 4.78 -12.51 -3.54
N PRO A 238 5.20 -11.43 -4.21
CA PRO A 238 5.17 -10.05 -3.67
C PRO A 238 3.76 -9.51 -3.65
N TYR A 239 3.38 -8.76 -2.61
CA TYR A 239 2.08 -8.11 -2.64
C TYR A 239 2.02 -7.11 -3.80
N THR A 240 0.85 -6.98 -4.40
CA THR A 240 0.68 -6.16 -5.62
C THR A 240 -0.63 -5.36 -5.55
N PHE A 241 -0.54 -4.16 -6.12
CA PHE A 241 -1.62 -3.20 -6.22
C PHE A 241 -2.13 -3.06 -7.63
N GLY A 242 -3.42 -2.70 -7.77
CA GLY A 242 -3.88 -2.18 -9.06
C GLY A 242 -3.34 -0.78 -9.30
N SER A 243 -3.52 -0.26 -10.52
CA SER A 243 -2.94 1.00 -10.89
C SER A 243 -3.73 2.21 -10.35
N GLY A 244 -4.91 1.99 -9.76
CA GLY A 244 -5.68 3.06 -9.14
C GLY A 244 -6.82 3.58 -10.01
N THR A 245 -7.92 3.94 -9.37
CA THR A 245 -9.02 4.61 -10.05
C THR A 245 -9.31 5.91 -9.31
N LYS A 246 -9.11 7.04 -9.98
CA LYS A 246 -9.30 8.36 -9.40
C LYS A 246 -10.75 8.76 -9.49
N LEU A 247 -11.37 9.03 -8.33
CA LEU A 247 -12.76 9.42 -8.25
C LEU A 247 -12.78 10.94 -8.16
N GLU A 248 -13.49 11.55 -9.11
CA GLU A 248 -13.65 13.01 -9.15
C GLU A 248 -15.12 13.37 -9.18
N LEU A 249 -15.46 14.57 -8.70
CA LEU A 249 -16.85 15.05 -8.79
C LEU A 249 -17.13 15.71 -10.13
N LYS A 250 -18.29 15.38 -10.66
CA LYS A 250 -18.79 15.85 -11.93
C LYS A 250 -19.58 17.11 -11.63
N VAL A 251 -19.31 18.18 -12.39
CA VAL A 251 -19.95 19.49 -12.18
C VAL A 251 -20.99 19.75 -13.29
N ARG A 252 -22.25 19.98 -12.90
CA ARG A 252 -23.37 20.28 -13.86
C ARG A 252 -23.01 21.43 -14.82
N ILE B 2 0.88 -15.13 14.86
CA ILE B 2 1.64 -14.39 13.80
C ILE B 2 2.92 -15.15 13.49
N ASN B 3 3.13 -15.47 12.22
CA ASN B 3 4.28 -16.24 11.81
C ASN B 3 5.52 -15.33 11.80
N TYS B 4 6.64 -15.84 12.34
CA TYS B 4 7.93 -15.10 12.34
CB TYS B 4 8.94 -15.79 13.27
CG TYS B 4 8.69 -15.59 14.75
CD1 TYS B 4 9.32 -16.50 15.61
CD2 TYS B 4 7.88 -14.57 15.26
CE1 TYS B 4 9.15 -16.37 16.99
CE2 TYS B 4 7.71 -14.45 16.63
CZ TYS B 4 8.34 -15.34 17.48
OH TYS B 4 8.14 -15.21 18.84
S TYS B 4 7.23 -16.19 19.58
O1 TYS B 4 6.04 -15.32 20.31
O2 TYS B 4 8.07 -16.88 20.54
O3 TYS B 4 6.62 -17.16 18.70
C TYS B 4 8.66 -14.99 11.05
O TYS B 4 9.61 -14.20 10.96
N TYS B 5 8.28 -15.77 10.03
CA TYS B 5 9.09 -15.94 8.83
CB TYS B 5 9.36 -17.45 8.62
CG TYS B 5 9.84 -18.08 9.92
CD1 TYS B 5 11.06 -17.70 10.43
CD2 TYS B 5 9.06 -19.03 10.60
CE1 TYS B 5 11.54 -18.27 11.63
CE2 TYS B 5 9.54 -19.58 11.82
CZ TYS B 5 10.79 -19.22 12.33
OH TYS B 5 11.27 -19.73 13.52
S TYS B 5 11.81 -21.20 13.55
O1 TYS B 5 12.93 -21.35 12.66
O2 TYS B 5 12.24 -21.50 14.90
O3 TYS B 5 10.61 -22.21 13.10
C TYS B 5 8.45 -15.35 7.59
O TYS B 5 9.17 -14.91 6.68
N THR B 6 7.12 -15.35 7.56
CA THR B 6 6.33 -14.71 6.49
C THR B 6 5.08 -14.03 7.02
N SER B 7 4.71 -12.91 6.36
CA SER B 7 3.43 -12.27 6.64
C SER B 7 2.26 -12.83 5.84
N GLU B 8 2.52 -13.78 4.95
CA GLU B 8 1.45 -14.32 4.10
C GLU B 8 0.50 -15.13 4.94
N PRO B 9 -0.79 -15.06 4.64
CA PRO B 9 -1.76 -15.85 5.42
C PRO B 9 -1.56 -17.35 5.21
S SO4 C . -0.23 -5.08 21.09
O1 SO4 C . -1.11 -4.39 22.03
O2 SO4 C . 0.83 -5.83 21.85
O3 SO4 C . 0.38 -4.05 20.24
O4 SO4 C . -0.97 -6.10 20.32
S SO4 D . -20.63 -8.97 -7.84
O1 SO4 D . -21.27 -7.64 -7.71
O2 SO4 D . -19.25 -9.00 -7.29
O3 SO4 D . -20.53 -9.30 -9.28
O4 SO4 D . -21.45 -9.98 -7.10
CL CL E . 8.87 -14.54 -10.57
#